data_5KRB
#
_entry.id   5KRB
#
_cell.length_a   53.649
_cell.length_b   69.469
_cell.length_c   84.536
_cell.angle_alpha   90.000
_cell.angle_beta   90.000
_cell.angle_gamma   90.000
#
_symmetry.space_group_name_H-M   'P 21 21 21'
#
loop_
_entity.id
_entity.type
_entity.pdbx_description
1 polymer "DNA (5'-D(*AP*GP*AP*GP*GP*TP*CP*AP*AP*GP*GP*CP*TP*AP*GP*A)-3')"
2 polymer 'Nuclear receptor subfamily 6 group A member 1'
3 polymer "DNA (5'-D(*TP*CP*TP*AP*GP*CP*CP*TP*TP*GP*AP*CP*CP*TP*CP*T)-3')"
4 non-polymer 'ZINC ION'
5 water water
#
loop_
_entity_poly.entity_id
_entity_poly.type
_entity_poly.pdbx_seq_one_letter_code
_entity_poly.pdbx_strand_id
1 'polydeoxyribonucleotide' (DA)(DG)(DA)(DG)(DG)(DT)(DC)(DA)(DA)(DG)(DG)(DC)(DT)(DA)(DG)(DA) A
2 'polypeptide(L)'
;QRTCLICGDRATGLHYGIISCEGCKGFFKRSISNKRVYRCSRDKNCVMSRKQRNRCQYCRLLKCLQMGMNRKAIREDGMP
GGRN
;
B,G
3 'polydeoxyribonucleotide' (DT)(DC)(DT)(DA)(DG)(DC)(DC)(DT)(DT)(DG)(DA)(DC)(DC)(DT)(DC)(DT) E
#
# COMPACT_ATOMS: atom_id res chain seq x y z
N GLN B 1 20.57 18.15 -2.99
CA GLN B 1 19.50 17.80 -2.07
C GLN B 1 18.28 18.65 -2.32
N ARG B 2 17.74 18.57 -3.54
CA ARG B 2 16.63 19.39 -3.96
C ARG B 2 15.30 18.69 -3.67
N THR B 3 14.23 19.49 -3.71
CA THR B 3 12.93 19.05 -3.21
C THR B 3 11.89 19.03 -4.33
N CYS B 4 10.91 18.14 -4.17
CA CYS B 4 9.81 18.04 -5.12
C CYS B 4 8.97 19.30 -5.10
N LEU B 5 8.71 19.88 -6.28
CA LEU B 5 7.91 21.09 -6.35
C LEU B 5 6.46 20.86 -5.97
N ILE B 6 6.04 19.61 -5.83
CA ILE B 6 4.65 19.29 -5.53
C ILE B 6 4.48 19.15 -4.01
N CYS B 7 5.20 18.19 -3.43
CA CYS B 7 4.99 17.79 -2.04
C CYS B 7 6.18 18.10 -1.14
N GLY B 8 7.27 18.64 -1.68
CA GLY B 8 8.45 18.93 -0.88
C GLY B 8 9.30 17.73 -0.54
N ASP B 9 8.87 16.52 -0.88
CA ASP B 9 9.66 15.33 -0.62
C ASP B 9 10.96 15.37 -1.43
N ARG B 10 11.88 14.47 -1.08
CA ARG B 10 13.16 14.42 -1.77
C ARG B 10 12.95 14.16 -3.26
N ALA B 11 13.62 14.94 -4.09
CA ALA B 11 13.49 14.85 -5.54
C ALA B 11 14.65 14.07 -6.13
N THR B 12 14.37 13.37 -7.22
CA THR B 12 15.32 12.46 -7.85
C THR B 12 15.69 12.90 -9.26
N GLY B 13 15.52 14.17 -9.58
CA GLY B 13 15.70 14.68 -10.92
C GLY B 13 14.42 15.25 -11.48
N LEU B 14 14.44 15.53 -12.78
CA LEU B 14 13.29 16.10 -13.45
C LEU B 14 12.42 15.00 -14.06
N HIS B 15 11.10 15.20 -13.99
CA HIS B 15 10.14 14.24 -14.51
C HIS B 15 8.98 15.00 -15.14
N TYR B 16 8.76 14.79 -16.43
CA TYR B 16 7.67 15.42 -17.16
C TYR B 16 7.76 16.94 -17.10
N GLY B 17 8.98 17.47 -16.96
CA GLY B 17 9.20 18.90 -17.06
C GLY B 17 9.86 19.52 -15.84
N ILE B 18 9.52 19.03 -14.65
CA ILE B 18 9.91 19.70 -13.41
C ILE B 18 10.53 18.71 -12.44
N ILE B 19 11.40 19.23 -11.57
CA ILE B 19 11.93 18.45 -10.46
C ILE B 19 10.77 17.91 -9.63
N SER B 20 10.84 16.63 -9.28
CA SER B 20 9.77 15.99 -8.54
C SER B 20 10.28 14.66 -7.98
N CYS B 21 9.47 14.07 -7.11
CA CYS B 21 9.80 12.80 -6.48
C CYS B 21 9.24 11.63 -7.29
N GLU B 22 9.64 10.41 -6.91
CA GLU B 22 9.16 9.23 -7.59
C GLU B 22 7.66 9.07 -7.43
N GLY B 23 7.12 9.46 -6.28
CA GLY B 23 5.68 9.35 -6.08
C GLY B 23 4.89 10.23 -7.04
N CYS B 24 5.23 11.52 -7.08
CA CYS B 24 4.51 12.43 -7.96
C CYS B 24 4.79 12.12 -9.43
N LYS B 25 6.00 11.67 -9.75
CA LYS B 25 6.27 11.14 -11.09
C LYS B 25 5.29 10.03 -11.43
N GLY B 26 5.21 9.01 -10.58
CA GLY B 26 4.30 7.90 -10.85
C GLY B 26 2.86 8.33 -10.83
N PHE B 27 2.48 9.20 -9.90
CA PHE B 27 1.10 9.65 -9.82
C PHE B 27 0.68 10.36 -11.10
N PHE B 28 1.51 11.29 -11.58
CA PHE B 28 1.18 12.02 -12.79
C PHE B 28 1.08 11.09 -13.99
N LYS B 29 2.03 10.16 -14.13
CA LYS B 29 2.00 9.22 -15.23
C LYS B 29 0.69 8.42 -15.26
N ARG B 30 0.25 7.95 -14.09
CA ARG B 30 -0.97 7.14 -14.04
C ARG B 30 -2.22 7.98 -14.30
N SER B 31 -2.24 9.21 -13.79
CA SER B 31 -3.41 10.06 -13.98
C SER B 31 -3.62 10.40 -15.45
N ILE B 32 -2.54 10.65 -16.18
CA ILE B 32 -2.65 11.06 -17.58
C ILE B 32 -2.89 9.84 -18.47
N SER B 33 -2.09 8.79 -18.30
CA SER B 33 -2.20 7.62 -19.16
C SER B 33 -3.60 7.02 -19.10
N ASN B 34 -4.22 6.99 -17.92
CA ASN B 34 -5.54 6.41 -17.73
C ASN B 34 -6.64 7.45 -17.74
N LYS B 35 -6.32 8.71 -18.03
CA LYS B 35 -7.32 9.76 -18.21
C LYS B 35 -8.24 9.86 -16.99
N ARG B 36 -7.64 9.85 -15.80
CA ARG B 36 -8.38 9.92 -14.57
C ARG B 36 -8.88 11.34 -14.33
N VAL B 37 -10.13 11.45 -13.86
CA VAL B 37 -10.73 12.73 -13.49
C VAL B 37 -11.04 12.64 -12.00
N TYR B 38 -10.31 13.41 -11.21
CA TYR B 38 -10.50 13.44 -9.76
C TYR B 38 -11.38 14.62 -9.37
N ARG B 39 -11.89 14.55 -8.14
CA ARG B 39 -12.67 15.64 -7.58
C ARG B 39 -12.32 15.78 -6.10
N CYS B 40 -12.12 17.01 -5.66
CA CYS B 40 -11.80 17.27 -4.26
C CYS B 40 -13.06 17.14 -3.42
N SER B 41 -12.99 16.33 -2.36
CA SER B 41 -14.08 16.18 -1.42
C SER B 41 -14.14 17.31 -0.40
N ARG B 42 -13.30 18.34 -0.56
CA ARG B 42 -13.20 19.39 0.44
C ARG B 42 -13.19 20.78 -0.21
N ASP B 43 -12.09 21.53 -0.07
CA ASP B 43 -12.06 22.93 -0.45
C ASP B 43 -11.01 23.24 -1.52
N LYS B 44 -10.57 22.24 -2.28
CA LYS B 44 -9.60 22.44 -3.36
C LYS B 44 -8.29 23.07 -2.87
N ASN B 45 -8.01 22.99 -1.57
CA ASN B 45 -6.82 23.60 -0.99
C ASN B 45 -6.11 22.61 -0.06
N CYS B 46 -6.12 21.33 -0.43
CA CYS B 46 -5.56 20.32 0.45
C CYS B 46 -4.05 20.41 0.51
N VAL B 47 -3.50 20.00 1.66
CA VAL B 47 -2.07 20.06 1.89
C VAL B 47 -1.36 19.03 0.99
N MET B 48 -0.17 19.40 0.53
CA MET B 48 0.68 18.52 -0.28
C MET B 48 2.00 18.32 0.45
N SER B 49 2.12 17.18 1.12
CA SER B 49 3.35 16.76 1.78
C SER B 49 3.51 15.26 1.56
N ARG B 50 4.65 14.73 2.02
CA ARG B 50 4.88 13.30 1.87
C ARG B 50 3.81 12.50 2.61
N LYS B 51 3.34 12.99 3.75
CA LYS B 51 2.42 12.26 4.59
C LYS B 51 0.95 12.50 4.23
N GLN B 52 0.66 13.54 3.44
CA GLN B 52 -0.73 13.91 3.16
C GLN B 52 -1.06 14.00 1.68
N ARG B 53 -0.07 13.80 0.80
CA ARG B 53 -0.33 13.93 -0.64
C ARG B 53 -1.35 12.93 -1.14
N ASN B 54 -1.35 11.71 -0.57
CA ASN B 54 -2.27 10.66 -1.00
C ASN B 54 -3.70 10.87 -0.52
N ARG B 55 -3.97 11.92 0.23
CA ARG B 55 -5.30 12.15 0.79
C ARG B 55 -6.19 12.99 -0.13
N CYS B 56 -5.68 13.49 -1.25
CA CYS B 56 -6.51 14.20 -2.22
C CYS B 56 -5.83 14.12 -3.58
N GLN B 57 -6.36 13.26 -4.45
CA GLN B 57 -5.79 13.11 -5.78
C GLN B 57 -6.02 14.35 -6.63
N TYR B 58 -7.18 14.99 -6.46
CA TYR B 58 -7.50 16.16 -7.28
C TYR B 58 -6.50 17.28 -7.04
N CYS B 59 -6.25 17.62 -5.77
CA CYS B 59 -5.33 18.71 -5.46
C CYS B 59 -3.90 18.35 -5.84
N ARG B 60 -3.54 17.06 -5.75
CA ARG B 60 -2.20 16.65 -6.16
C ARG B 60 -2.00 16.85 -7.65
N LEU B 61 -2.95 16.38 -8.46
CA LEU B 61 -2.85 16.57 -9.90
C LEU B 61 -2.88 18.05 -10.27
N LEU B 62 -3.76 18.82 -9.63
CA LEU B 62 -3.83 20.25 -9.89
C LEU B 62 -2.49 20.91 -9.65
N LYS B 63 -1.84 20.57 -8.54
CA LYS B 63 -0.49 21.09 -8.27
C LYS B 63 0.48 20.70 -9.37
N CYS B 64 0.47 19.42 -9.76
CA CYS B 64 1.36 18.95 -10.82
C CYS B 64 1.25 19.83 -12.07
N LEU B 65 0.02 20.06 -12.54
CA LEU B 65 -0.17 20.86 -13.73
C LEU B 65 0.21 22.32 -13.49
N GLN B 66 -0.21 22.88 -12.35
CA GLN B 66 0.09 24.28 -12.07
C GLN B 66 1.59 24.52 -11.97
N MET B 67 2.33 23.56 -11.43
CA MET B 67 3.77 23.70 -11.29
C MET B 67 4.51 23.44 -12.59
N GLY B 68 3.87 22.82 -13.59
CA GLY B 68 4.42 22.78 -14.93
C GLY B 68 4.71 21.40 -15.49
N MET B 69 4.08 20.35 -14.96
CA MET B 69 4.25 19.02 -15.54
C MET B 69 3.50 18.92 -16.85
N ASN B 70 4.17 18.45 -17.89
CA ASN B 70 3.65 18.45 -19.24
C ASN B 70 2.93 17.14 -19.55
N ARG B 71 1.63 17.22 -19.82
CA ARG B 71 0.87 16.04 -20.21
C ARG B 71 1.23 15.59 -21.62
N LYS B 72 1.66 16.52 -22.47
CA LYS B 72 1.93 16.20 -23.87
C LYS B 72 2.95 15.08 -24.00
N ALA B 73 3.84 14.93 -23.02
CA ALA B 73 4.85 13.88 -23.07
C ALA B 73 4.21 12.51 -23.29
N ILE B 74 3.12 12.23 -22.60
CA ILE B 74 2.45 10.93 -22.72
C ILE B 74 1.58 10.93 -23.96
N THR D 3 0.95 -20.89 -4.92
CA THR D 3 0.05 -21.49 -3.94
C THR D 3 0.40 -21.02 -2.53
N CYS D 4 -0.63 -20.66 -1.76
CA CYS D 4 -0.43 -20.05 -0.46
C CYS D 4 0.12 -21.07 0.53
N LEU D 5 1.20 -20.69 1.23
CA LEU D 5 1.83 -21.56 2.22
C LEU D 5 0.96 -21.78 3.46
N ILE D 6 -0.10 -20.99 3.64
CA ILE D 6 -0.90 -21.02 4.85
C ILE D 6 -2.15 -21.86 4.67
N CYS D 7 -2.87 -21.66 3.57
CA CYS D 7 -4.16 -22.31 3.37
C CYS D 7 -4.28 -23.08 2.06
N GLY D 8 -3.28 -23.03 1.19
CA GLY D 8 -3.32 -23.75 -0.06
C GLY D 8 -4.01 -23.02 -1.19
N ASP D 9 -4.78 -21.98 -0.90
CA ASP D 9 -5.39 -21.17 -1.94
C ASP D 9 -4.31 -20.65 -2.89
N ARG D 10 -4.75 -20.24 -4.08
CA ARG D 10 -3.80 -19.74 -5.08
C ARG D 10 -3.13 -18.48 -4.57
N ALA D 11 -1.81 -18.47 -4.61
CA ALA D 11 -1.05 -17.31 -4.17
C ALA D 11 -1.05 -16.23 -5.25
N THR D 12 -1.04 -14.97 -4.80
CA THR D 12 -0.95 -13.83 -5.69
C THR D 12 0.42 -13.18 -5.70
N GLY D 13 1.37 -13.73 -4.96
CA GLY D 13 2.71 -13.21 -4.89
C GLY D 13 3.21 -13.22 -3.46
N LEU D 14 4.34 -12.57 -3.25
CA LEU D 14 4.92 -12.45 -1.91
C LEU D 14 4.17 -11.40 -1.10
N HIS D 15 3.92 -11.71 0.17
CA HIS D 15 3.29 -10.77 1.09
C HIS D 15 3.91 -10.95 2.45
N TYR D 16 4.58 -9.92 2.95
CA TYR D 16 5.14 -9.91 4.30
C TYR D 16 6.13 -11.06 4.52
N GLY D 17 6.78 -11.50 3.43
CA GLY D 17 7.92 -12.40 3.51
C GLY D 17 7.76 -13.68 2.70
N ILE D 18 6.53 -14.18 2.58
CA ILE D 18 6.29 -15.52 2.04
C ILE D 18 5.21 -15.47 0.98
N ILE D 19 5.13 -16.55 0.21
CA ILE D 19 4.08 -16.71 -0.79
C ILE D 19 2.75 -16.92 -0.08
N SER D 20 1.74 -16.14 -0.47
CA SER D 20 0.45 -16.21 0.19
C SER D 20 -0.62 -15.63 -0.73
N CYS D 21 -1.88 -15.86 -0.36
CA CYS D 21 -3.02 -15.32 -1.09
C CYS D 21 -3.41 -13.95 -0.53
N GLU D 22 -4.34 -13.29 -1.23
CA GLU D 22 -4.79 -11.98 -0.78
C GLU D 22 -5.48 -12.07 0.58
N GLY D 23 -6.20 -13.16 0.83
CA GLY D 23 -6.89 -13.29 2.10
C GLY D 23 -5.95 -13.29 3.28
N CYS D 24 -4.96 -14.19 3.26
CA CYS D 24 -3.99 -14.23 4.35
C CYS D 24 -3.14 -12.96 4.39
N LYS D 25 -2.89 -12.34 3.25
CA LYS D 25 -2.23 -11.03 3.22
C LYS D 25 -2.99 -10.03 4.08
N GLY D 26 -4.26 -9.83 3.78
CA GLY D 26 -5.04 -8.86 4.53
C GLY D 26 -5.26 -9.28 5.97
N PHE D 27 -5.47 -10.57 6.21
CA PHE D 27 -5.68 -11.05 7.57
C PHE D 27 -4.47 -10.75 8.45
N PHE D 28 -3.27 -11.03 7.95
CA PHE D 28 -2.06 -10.75 8.71
C PHE D 28 -1.91 -9.26 8.97
N LYS D 29 -2.11 -8.45 7.93
CA LYS D 29 -2.03 -6.99 8.09
C LYS D 29 -2.98 -6.52 9.19
N ARG D 30 -4.24 -6.95 9.12
CA ARG D 30 -5.22 -6.52 10.13
C ARG D 30 -4.84 -7.03 11.51
N SER D 31 -4.35 -8.28 11.60
CA SER D 31 -4.03 -8.86 12.90
C SER D 31 -2.90 -8.09 13.58
N ILE D 32 -1.89 -7.68 12.83
CA ILE D 32 -0.74 -6.99 13.41
C ILE D 32 -1.08 -5.54 13.72
N SER D 33 -1.64 -4.83 12.73
CA SER D 33 -1.90 -3.40 12.90
C SER D 33 -2.87 -3.15 14.05
N ASN D 34 -3.92 -3.97 14.16
CA ASN D 34 -4.90 -3.82 15.23
C ASN D 34 -4.48 -4.51 16.52
N LYS D 35 -3.31 -5.14 16.54
CA LYS D 35 -2.78 -5.77 17.76
C LYS D 35 -3.79 -6.74 18.35
N ARG D 36 -4.33 -7.60 17.48
CA ARG D 36 -5.38 -8.53 17.88
C ARG D 36 -4.79 -9.71 18.65
N VAL D 37 -5.49 -10.11 19.70
CA VAL D 37 -5.21 -11.36 20.41
C VAL D 37 -6.41 -12.27 20.20
N TYR D 38 -6.16 -13.41 19.56
CA TYR D 38 -7.20 -14.40 19.32
C TYR D 38 -7.08 -15.52 20.35
N ARG D 39 -8.11 -16.35 20.41
CA ARG D 39 -8.13 -17.52 21.27
C ARG D 39 -8.77 -18.67 20.51
N CYS D 40 -8.15 -19.85 20.61
CA CYS D 40 -8.66 -21.04 19.97
C CYS D 40 -9.66 -21.73 20.89
N SER D 41 -10.76 -22.21 20.30
CA SER D 41 -11.81 -22.91 21.04
C SER D 41 -11.72 -24.42 20.89
N ARG D 42 -10.55 -24.94 20.49
CA ARG D 42 -10.37 -26.37 20.31
C ARG D 42 -9.00 -26.81 20.80
N ASP D 43 -8.24 -27.53 19.96
CA ASP D 43 -6.96 -28.10 20.37
C ASP D 43 -5.77 -27.39 19.74
N LYS D 44 -5.93 -26.13 19.35
CA LYS D 44 -4.86 -25.34 18.74
C LYS D 44 -4.23 -26.09 17.56
N ASN D 45 -5.08 -26.74 16.77
CA ASN D 45 -4.61 -27.54 15.64
C ASN D 45 -5.58 -27.49 14.47
N CYS D 46 -6.41 -26.45 14.39
CA CYS D 46 -7.38 -26.35 13.31
C CYS D 46 -6.67 -26.33 11.96
N VAL D 47 -7.22 -27.06 11.00
CA VAL D 47 -6.64 -27.16 9.66
C VAL D 47 -6.94 -25.89 8.88
N MET D 48 -5.98 -25.49 8.04
CA MET D 48 -6.09 -24.28 7.24
C MET D 48 -6.31 -24.67 5.79
N SER D 49 -7.47 -24.28 5.25
CA SER D 49 -7.79 -24.43 3.84
C SER D 49 -8.59 -23.19 3.43
N ARG D 50 -8.90 -23.08 2.14
CA ARG D 50 -9.67 -21.92 1.69
C ARG D 50 -10.99 -21.81 2.45
N LYS D 51 -11.85 -22.82 2.30
CA LYS D 51 -13.19 -22.79 2.89
C LYS D 51 -13.20 -23.13 4.38
N GLN D 52 -12.04 -23.12 5.05
CA GLN D 52 -11.99 -23.39 6.47
C GLN D 52 -11.10 -22.42 7.25
N ARG D 53 -10.25 -21.64 6.58
CA ARG D 53 -9.30 -20.78 7.29
C ARG D 53 -10.02 -19.78 8.20
N ASN D 54 -11.25 -19.41 7.86
CA ASN D 54 -12.00 -18.42 8.63
C ASN D 54 -12.71 -19.02 9.83
N ARG D 55 -12.43 -20.28 10.18
CA ARG D 55 -13.07 -20.90 11.34
C ARG D 55 -12.26 -20.75 12.62
N CYS D 56 -11.00 -20.36 12.53
CA CYS D 56 -10.19 -20.11 13.73
C CYS D 56 -9.15 -19.04 13.41
N GLN D 57 -9.39 -17.83 13.92
CA GLN D 57 -8.42 -16.76 13.73
C GLN D 57 -7.11 -17.06 14.45
N TYR D 58 -7.17 -17.77 15.59
CA TYR D 58 -5.95 -18.06 16.34
C TYR D 58 -5.00 -18.92 15.52
N CYS D 59 -5.48 -20.06 15.02
CA CYS D 59 -4.61 -20.97 14.28
C CYS D 59 -4.17 -20.37 12.96
N ARG D 60 -5.00 -19.52 12.34
CA ARG D 60 -4.58 -18.85 11.11
C ARG D 60 -3.41 -17.93 11.37
N LEU D 61 -3.49 -17.12 12.43
CA LEU D 61 -2.40 -16.20 12.75
C LEU D 61 -1.15 -16.96 13.19
N LEU D 62 -1.32 -18.00 14.00
CA LEU D 62 -0.18 -18.82 14.39
C LEU D 62 0.46 -19.46 13.17
N LYS D 63 -0.35 -19.89 12.20
CA LYS D 63 0.19 -20.46 10.98
C LYS D 63 0.93 -19.41 10.16
N CYS D 64 0.41 -18.18 10.14
CA CYS D 64 1.11 -17.09 9.46
C CYS D 64 2.52 -16.93 10.01
N LEU D 65 2.65 -16.82 11.33
CA LEU D 65 3.95 -16.59 11.92
C LEU D 65 4.87 -17.81 11.76
N GLN D 66 4.32 -19.02 11.88
CA GLN D 66 5.14 -20.22 11.70
C GLN D 66 5.77 -20.24 10.32
N MET D 67 4.98 -19.98 9.28
CA MET D 67 5.47 -20.09 7.92
C MET D 67 6.41 -18.95 7.53
N GLY D 68 6.56 -17.94 8.38
CA GLY D 68 7.56 -16.91 8.18
C GLY D 68 7.04 -15.52 7.82
N MET D 69 5.76 -15.23 8.05
CA MET D 69 5.28 -13.87 7.83
C MET D 69 5.90 -12.94 8.86
N ASN D 70 6.45 -11.83 8.39
CA ASN D 70 7.30 -10.97 9.20
C ASN D 70 6.48 -9.80 9.76
N ARG D 71 6.47 -9.67 11.08
CA ARG D 71 5.79 -8.56 11.72
C ARG D 71 6.43 -7.22 11.37
N LYS D 72 7.76 -7.20 11.22
CA LYS D 72 8.47 -5.98 10.88
C LYS D 72 8.11 -5.45 9.49
N ALA D 73 7.42 -6.24 8.66
CA ALA D 73 7.09 -5.79 7.32
C ALA D 73 5.91 -4.83 7.30
N ILE D 74 5.13 -4.76 8.37
CA ILE D 74 4.11 -3.71 8.51
C ILE D 74 4.83 -2.43 8.91
N ARG D 75 4.60 -1.37 8.13
CA ARG D 75 5.37 -0.14 8.27
C ARG D 75 4.76 0.77 9.31
N GLU D 76 5.63 1.36 10.14
CA GLU D 76 5.16 2.28 11.17
C GLU D 76 4.74 3.61 10.58
N ASP D 77 5.47 4.10 9.58
CA ASP D 77 5.09 5.35 8.92
C ASP D 77 3.84 5.20 8.07
N GLY D 78 3.42 3.96 7.79
CA GLY D 78 2.20 3.72 7.04
C GLY D 78 2.24 4.10 5.59
N MET D 79 3.42 4.35 5.03
CA MET D 79 3.50 4.75 3.63
C MET D 79 3.38 3.54 2.71
N PRO D 80 2.65 3.65 1.61
CA PRO D 80 2.53 2.53 0.66
C PRO D 80 3.66 2.52 -0.36
N GLY D 81 3.69 1.44 -1.14
CA GLY D 81 4.58 1.35 -2.28
C GLY D 81 6.06 1.27 -1.91
N GLY D 82 6.88 1.48 -2.94
CA GLY D 82 8.31 1.43 -2.78
C GLY D 82 8.85 0.01 -2.79
N ARG D 83 10.11 -0.10 -2.34
CA ARG D 83 10.80 -1.38 -2.24
C ARG D 83 11.43 -1.52 -0.86
N ASN D 84 11.42 -2.74 -0.33
CA ASN D 84 12.06 -3.04 0.94
C ASN D 84 13.50 -3.47 0.73
#